data_4QYO
#
_entry.id   4QYO
#
_cell.length_a   41.941
_cell.length_b   60.712
_cell.length_c   43.703
_cell.angle_alpha   90.00
_cell.angle_beta   106.68
_cell.angle_gamma   90.00
#
_symmetry.space_group_name_H-M   'P 1 21 1'
#
loop_
_entity.id
_entity.type
_entity.pdbx_description
1 polymer 'Fv fragment(mAb6D8) heavy chain'
2 polymer 'Fv fragment(mAb6D8) light chain'
3 polymer 'Merozoite surface antigen 2'
4 water water
#
loop_
_entity_poly.entity_id
_entity_poly.type
_entity_poly.pdbx_seq_one_letter_code
_entity_poly.pdbx_strand_id
1 'polypeptide(L)'
;QVQLQQSGDELVKPGASVKLSCTVSGFNIKDDFIHWMKQRPEQGLEWIGRIDPANGYTKYAPKFQDKATMTADTSSNTAY
LQLSSLASEDAAVYYCATYGVAYWGQGTLVTVSA
;
A
2 'polypeptide(L)'
;DIVLTQSPASLAVSLGQRATISCKASQSVDHDGDSYMNWFQQKPGQSPKLLIYAASNLESGIPARFSGSGSGTDFTLNIH
PVEEEDAATYYCQQTNEDPYTFGGGTKLEIK
;
B
3 'polypeptide(L)' (ACE)NAYNMSIRR(NH2) Q
#
loop_
_chem_comp.id
_chem_comp.type
_chem_comp.name
_chem_comp.formula
ACE non-polymer 'ACETYL GROUP' 'C2 H4 O'
NH2 non-polymer 'AMINO GROUP' 'H2 N'
#
# COMPACT_ATOMS: atom_id res chain seq x y z
N GLN A 1 -15.15 -11.60 -0.27
CA GLN A 1 -15.72 -11.98 -1.60
C GLN A 1 -15.05 -11.23 -2.74
N VAL A 2 -14.34 -10.16 -2.40
CA VAL A 2 -13.67 -9.33 -3.39
C VAL A 2 -12.28 -9.88 -3.72
N GLN A 3 -12.02 -10.10 -5.01
CA GLN A 3 -10.74 -10.60 -5.50
C GLN A 3 -10.19 -9.67 -6.56
N LEU A 4 -8.91 -9.31 -6.42
CA LEU A 4 -8.21 -8.57 -7.46
C LEU A 4 -7.17 -9.51 -8.05
N GLN A 5 -7.38 -9.92 -9.30
CA GLN A 5 -6.51 -10.88 -9.96
C GLN A 5 -5.63 -10.15 -10.97
N GLN A 6 -4.33 -10.10 -10.69
CA GLN A 6 -3.41 -9.40 -11.56
C GLN A 6 -2.79 -10.33 -12.59
N SER A 7 -2.39 -9.75 -13.70
CA SER A 7 -1.78 -10.48 -14.79
C SER A 7 -0.39 -11.02 -14.44
N GLY A 8 0.11 -11.89 -15.30
CA GLY A 8 1.30 -12.66 -15.02
C GLY A 8 2.57 -11.83 -15.15
N ASP A 9 3.65 -12.37 -14.63
CA ASP A 9 4.90 -11.64 -14.64
C ASP A 9 5.36 -11.40 -16.08
N GLU A 10 6.08 -10.28 -16.25
CA GLU A 10 6.56 -9.87 -17.56
C GLU A 10 8.06 -9.57 -17.56
N LEU A 11 8.76 -10.11 -18.56
CA LEU A 11 10.13 -9.70 -18.87
C LEU A 11 10.07 -8.71 -20.03
N VAL A 12 10.60 -7.51 -19.81
CA VAL A 12 10.45 -6.41 -20.76
C VAL A 12 11.81 -5.84 -21.17
N LYS A 13 11.87 -5.30 -22.39
CA LYS A 13 13.12 -4.73 -22.90
C LYS A 13 13.17 -3.21 -22.67
N PRO A 14 14.38 -2.68 -22.43
CA PRO A 14 14.51 -1.22 -22.27
C PRO A 14 13.93 -0.48 -23.49
N GLY A 15 13.17 0.59 -23.23
CA GLY A 15 12.56 1.38 -24.28
C GLY A 15 11.16 0.96 -24.65
N ALA A 16 10.80 -0.28 -24.30
CA ALA A 16 9.47 -0.79 -24.64
C ALA A 16 8.41 -0.30 -23.67
N SER A 17 7.18 -0.70 -23.94
CA SER A 17 6.07 -0.43 -23.06
C SER A 17 5.48 -1.76 -22.61
N VAL A 18 4.78 -1.75 -21.49
CA VAL A 18 4.06 -2.93 -21.03
C VAL A 18 2.74 -2.50 -20.40
N LYS A 19 1.71 -3.34 -20.53
CA LYS A 19 0.41 -3.04 -19.97
C LYS A 19 -0.02 -4.17 -19.04
N LEU A 20 -0.19 -3.82 -17.77
CA LEU A 20 -0.55 -4.77 -16.72
C LEU A 20 -2.03 -4.67 -16.44
N SER A 21 -2.66 -5.77 -16.06
CA SER A 21 -4.09 -5.75 -15.77
C SER A 21 -4.43 -6.18 -14.35
N CYS A 22 -5.61 -5.73 -13.90
CA CYS A 22 -6.11 -6.00 -12.57
C CYS A 22 -7.61 -6.27 -12.72
N THR A 23 -7.98 -7.55 -12.70
CA THR A 23 -9.36 -7.99 -12.94
C THR A 23 -10.05 -8.20 -11.62
N VAL A 24 -11.12 -7.45 -11.40
CA VAL A 24 -11.78 -7.44 -10.13
C VAL A 24 -13.05 -8.27 -10.18
N SER A 25 -13.26 -9.08 -9.15
CA SER A 25 -14.50 -9.85 -9.01
C SER A 25 -15.07 -9.69 -7.61
N GLY A 26 -16.39 -9.78 -7.51
CA GLY A 26 -17.05 -9.62 -6.21
C GLY A 26 -17.28 -8.17 -5.82
N PHE A 27 -16.99 -7.26 -6.73
CA PHE A 27 -17.07 -5.83 -6.47
C PHE A 27 -17.25 -5.14 -7.82
N ASN A 28 -18.13 -4.14 -7.90
CA ASN A 28 -18.28 -3.35 -9.11
C ASN A 28 -17.25 -2.24 -9.09
N ILE A 29 -16.30 -2.22 -10.02
CA ILE A 29 -15.24 -1.19 -9.96
C ILE A 29 -15.78 0.23 -10.14
N LYS A 30 -16.96 0.42 -10.71
CA LYS A 30 -17.52 1.76 -10.74
C LYS A 30 -17.71 2.33 -9.33
N ASP A 31 -17.73 1.46 -8.33
CA ASP A 31 -18.03 1.87 -6.96
C ASP A 31 -16.84 2.48 -6.19
N ASP A 32 -15.62 2.46 -6.71
CA ASP A 32 -14.50 3.02 -5.97
C ASP A 32 -13.32 3.27 -6.87
N PHE A 33 -12.42 4.13 -6.43
CA PHE A 33 -11.13 4.28 -7.06
C PHE A 33 -10.36 2.97 -7.07
N ILE A 34 -9.54 2.78 -8.09
CA ILE A 34 -8.48 1.77 -8.08
C ILE A 34 -7.15 2.48 -8.00
N HIS A 35 -6.32 2.03 -7.06
CA HIS A 35 -5.00 2.58 -6.80
C HIS A 35 -3.93 1.65 -7.31
N TRP A 36 -2.81 2.22 -7.76
CA TRP A 36 -1.66 1.42 -8.16
C TRP A 36 -0.45 1.81 -7.33
N MET A 37 0.28 0.77 -6.92
CA MET A 37 1.50 0.91 -6.12
C MET A 37 2.65 0.18 -6.80
N LYS A 38 3.85 0.69 -6.57
CA LYS A 38 5.09 0.09 -7.02
C LYS A 38 5.91 -0.31 -5.80
N GLN A 39 6.54 -1.47 -5.87
CA GLN A 39 7.43 -1.90 -4.78
C GLN A 39 8.76 -2.42 -5.30
N ARG A 40 9.84 -1.84 -4.79
CA ARG A 40 11.20 -2.30 -5.04
C ARG A 40 11.83 -2.64 -3.69
N PRO A 41 12.73 -3.64 -3.65
CA PRO A 41 13.30 -4.02 -2.36
C PRO A 41 14.07 -2.91 -1.64
N GLU A 42 14.77 -2.06 -2.39
CA GLU A 42 15.55 -0.98 -1.78
C GLU A 42 14.74 0.30 -1.54
N GLN A 43 13.95 0.72 -2.53
CA GLN A 43 13.26 2.00 -2.46
C GLN A 43 11.88 1.91 -1.80
N GLY A 44 11.38 0.69 -1.63
CA GLY A 44 10.16 0.45 -0.92
C GLY A 44 8.90 0.68 -1.73
N LEU A 45 7.82 1.00 -1.03
CA LEU A 45 6.50 1.15 -1.63
C LEU A 45 6.22 2.59 -2.01
N GLU A 46 5.67 2.78 -3.21
CA GLU A 46 5.31 4.09 -3.74
C GLU A 46 3.92 4.01 -4.33
N TRP A 47 3.12 5.05 -4.11
CA TRP A 47 1.81 5.19 -4.74
C TRP A 47 1.95 5.89 -6.09
N ILE A 48 1.50 5.22 -7.14
CA ILE A 48 1.57 5.74 -8.50
C ILE A 48 0.43 6.70 -8.78
N GLY A 49 -0.77 6.36 -8.33
CA GLY A 49 -1.94 7.18 -8.56
C GLY A 49 -3.21 6.38 -8.35
N ARG A 50 -4.34 7.03 -8.65
CA ARG A 50 -5.63 6.39 -8.61
C ARG A 50 -6.46 6.80 -9.80
N ILE A 51 -7.33 5.90 -10.22
CA ILE A 51 -8.30 6.15 -11.28
C ILE A 51 -9.71 5.93 -10.73
N ASP A 52 -10.65 6.78 -11.13
CA ASP A 52 -12.08 6.59 -10.87
C ASP A 52 -12.69 5.89 -12.09
N PRO A 53 -13.01 4.59 -12.00
CA PRO A 53 -13.52 3.89 -13.18
C PRO A 53 -14.87 4.41 -13.66
N ALA A 54 -15.63 5.08 -12.80
CA ALA A 54 -16.96 5.56 -13.18
C ALA A 54 -16.90 6.68 -14.20
N ASN A 55 -15.85 7.51 -14.14
CA ASN A 55 -15.70 8.64 -15.05
C ASN A 55 -14.34 8.73 -15.78
N GLY A 56 -13.41 7.83 -15.49
CA GLY A 56 -12.12 7.85 -16.15
C GLY A 56 -11.13 8.84 -15.60
N TYR A 57 -11.50 9.60 -14.58
CA TYR A 57 -10.62 10.63 -14.02
CA TYR A 57 -10.64 10.64 -14.04
C TYR A 57 -9.45 10.01 -13.31
N THR A 58 -8.26 10.56 -13.55
CA THR A 58 -7.03 10.06 -12.97
C THR A 58 -6.27 11.13 -12.18
N LYS A 59 -5.55 10.69 -11.16
CA LYS A 59 -4.62 11.55 -10.39
C LYS A 59 -3.35 10.72 -10.21
N TYR A 60 -2.21 11.29 -10.63
CA TYR A 60 -0.90 10.65 -10.50
C TYR A 60 -0.02 11.34 -9.50
N ALA A 61 0.89 10.58 -8.90
CA ALA A 61 2.02 11.20 -8.22
C ALA A 61 2.89 11.85 -9.29
N PRO A 62 3.42 13.05 -9.03
CA PRO A 62 4.29 13.70 -10.02
C PRO A 62 5.38 12.82 -10.62
N LYS A 63 6.02 11.97 -9.83
CA LYS A 63 7.11 11.16 -10.37
C LYS A 63 6.66 10.11 -11.37
N PHE A 64 5.35 9.86 -11.45
CA PHE A 64 4.83 8.88 -12.41
C PHE A 64 4.03 9.50 -13.55
N GLN A 65 3.97 10.82 -13.61
CA GLN A 65 3.11 11.50 -14.57
C GLN A 65 3.48 11.21 -16.03
N ASP A 66 4.76 11.02 -16.30
CA ASP A 66 5.19 10.74 -17.67
C ASP A 66 5.69 9.30 -17.84
N LYS A 67 5.28 8.41 -16.94
CA LYS A 67 5.65 6.99 -16.96
C LYS A 67 4.42 6.09 -17.02
N ALA A 68 3.40 6.42 -16.23
CA ALA A 68 2.25 5.55 -16.06
C ALA A 68 1.05 6.13 -16.73
N THR A 69 0.22 5.24 -17.31
CA THR A 69 -1.10 5.60 -17.78
C THR A 69 -2.07 4.57 -17.21
N MET A 70 -2.98 5.05 -16.36
CA MET A 70 -4.05 4.22 -15.80
C MET A 70 -5.29 4.35 -16.65
N THR A 71 -5.90 3.20 -16.95
CA THR A 71 -7.21 3.14 -17.60
C THR A 71 -8.07 2.11 -16.89
N ALA A 72 -9.37 2.13 -17.17
CA ALA A 72 -10.25 1.14 -16.58
C ALA A 72 -11.49 0.94 -17.42
N ASP A 73 -12.04 -0.26 -17.33
CA ASP A 73 -13.25 -0.64 -18.06
C ASP A 73 -14.25 -1.30 -17.11
N THR A 74 -15.33 -0.60 -16.80
CA THR A 74 -16.33 -1.10 -15.86
C THR A 74 -17.03 -2.37 -16.39
N SER A 75 -17.15 -2.46 -17.70
CA SER A 75 -17.86 -3.58 -18.30
C SER A 75 -17.15 -4.90 -18.04
N SER A 76 -15.82 -4.86 -18.11
CA SER A 76 -15.02 -6.04 -17.85
C SER A 76 -14.51 -6.04 -16.42
N ASN A 77 -14.80 -4.98 -15.67
CA ASN A 77 -14.38 -4.85 -14.28
C ASN A 77 -12.85 -4.99 -14.15
N THR A 78 -12.14 -4.41 -15.10
CA THR A 78 -10.68 -4.52 -15.18
C THR A 78 -10.06 -3.14 -15.23
N ALA A 79 -8.98 -2.97 -14.47
CA ALA A 79 -8.13 -1.79 -14.53
C ALA A 79 -6.77 -2.14 -15.12
N TYR A 80 -6.15 -1.18 -15.79
CA TYR A 80 -4.88 -1.38 -16.47
C TYR A 80 -3.87 -0.32 -16.07
N LEU A 81 -2.62 -0.74 -16.04
CA LEU A 81 -1.48 0.15 -15.83
C LEU A 81 -0.50 -0.03 -16.98
N GLN A 82 -0.36 1.00 -17.80
CA GLN A 82 0.60 0.98 -18.89
C GLN A 82 1.82 1.78 -18.48
N LEU A 83 3.00 1.16 -18.62
CA LEU A 83 4.27 1.78 -18.27
C LEU A 83 5.04 1.97 -19.57
N SER A 84 5.52 3.19 -19.81
CA SER A 84 6.16 3.52 -21.08
C SER A 84 7.65 3.71 -20.93
N SER A 85 8.36 3.60 -22.04
CA SER A 85 9.79 3.88 -22.12
C SER A 85 10.53 3.20 -20.98
N LEU A 86 10.36 1.89 -20.89
CA LEU A 86 10.87 1.11 -19.76
C LEU A 86 12.38 1.23 -19.57
N ALA A 87 12.79 1.32 -18.30
CA ALA A 87 14.20 1.40 -17.94
C ALA A 87 14.42 0.55 -16.71
N SER A 88 15.68 0.33 -16.35
CA SER A 88 16.03 -0.51 -15.22
C SER A 88 15.27 -0.18 -13.93
N GLU A 89 15.01 1.10 -13.69
CA GLU A 89 14.39 1.53 -12.44
C GLU A 89 12.88 1.20 -12.39
N ASP A 90 12.35 0.73 -13.51
CA ASP A 90 10.95 0.31 -13.58
C ASP A 90 10.76 -1.15 -13.17
N ALA A 91 11.84 -1.91 -13.05
CA ALA A 91 11.72 -3.28 -12.58
C ALA A 91 11.25 -3.25 -11.13
N ALA A 92 10.15 -3.94 -10.85
CA ALA A 92 9.44 -3.82 -9.57
C ALA A 92 8.27 -4.79 -9.57
N VAL A 93 7.66 -4.94 -8.40
CA VAL A 93 6.34 -5.53 -8.30
C VAL A 93 5.31 -4.40 -8.27
N TYR A 94 4.26 -4.57 -9.06
CA TYR A 94 3.19 -3.58 -9.16
C TYR A 94 1.93 -4.17 -8.59
N TYR A 95 1.26 -3.41 -7.71
CA TYR A 95 0.01 -3.82 -7.08
C TYR A 95 -1.15 -2.90 -7.44
N CYS A 96 -2.34 -3.49 -7.56
CA CYS A 96 -3.57 -2.70 -7.56
C CYS A 96 -4.31 -2.88 -6.23
N ALA A 97 -5.10 -1.88 -5.87
CA ALA A 97 -5.89 -1.93 -4.64
C ALA A 97 -7.21 -1.16 -4.76
N THR A 98 -8.18 -1.54 -3.96
CA THR A 98 -9.46 -0.84 -3.90
C THR A 98 -10.12 -1.08 -2.53
N TYR A 99 -11.33 -0.57 -2.39
CA TYR A 99 -12.12 -0.57 -1.14
C TYR A 99 -11.37 0.33 -0.15
N GLY A 100 -11.37 1.62 -0.45
CA GLY A 100 -10.29 2.47 0.04
C GLY A 100 -9.00 1.89 -0.48
N VAL A 101 -8.10 1.50 0.42
CA VAL A 101 -6.91 0.73 0.06
C VAL A 101 -6.84 -0.56 0.86
N ALA A 102 -7.99 -1.13 1.18
CA ALA A 102 -8.04 -2.34 2.02
C ALA A 102 -7.76 -3.64 1.29
N TYR A 103 -8.13 -3.75 0.02
CA TYR A 103 -8.02 -5.01 -0.72
C TYR A 103 -7.00 -4.86 -1.86
N TRP A 104 -6.01 -5.74 -1.87
CA TRP A 104 -4.91 -5.66 -2.84
C TRP A 104 -4.86 -6.89 -3.73
N GLY A 105 -4.43 -6.69 -4.97
CA GLY A 105 -4.08 -7.80 -5.85
C GLY A 105 -2.82 -8.51 -5.39
N GLN A 106 -2.47 -9.61 -6.05
CA GLN A 106 -1.32 -10.43 -5.63
C GLN A 106 0.01 -9.90 -6.13
N GLY A 107 -0.03 -8.88 -6.99
CA GLY A 107 1.19 -8.30 -7.53
C GLY A 107 1.56 -8.91 -8.88
N THR A 108 2.16 -8.06 -9.73
CA THR A 108 2.75 -8.47 -11.00
C THR A 108 4.20 -8.04 -11.01
N LEU A 109 5.09 -9.01 -11.24
CA LEU A 109 6.51 -8.74 -11.33
C LEU A 109 6.90 -8.32 -12.74
N VAL A 110 7.56 -7.17 -12.84
CA VAL A 110 8.15 -6.69 -14.09
C VAL A 110 9.67 -6.73 -13.94
N THR A 111 10.31 -7.49 -14.81
CA THR A 111 11.77 -7.57 -14.86
CA THR A 111 11.77 -7.59 -14.87
C THR A 111 12.24 -6.94 -16.16
N VAL A 112 13.35 -6.21 -16.12
CA VAL A 112 13.83 -5.52 -17.30
C VAL A 112 15.15 -6.14 -17.75
N SER A 113 15.23 -6.59 -18.99
CA SER A 113 16.42 -7.27 -19.49
C SER A 113 17.49 -6.26 -19.94
N ALA A 114 18.71 -6.77 -20.08
CA ALA A 114 19.88 -5.96 -20.41
C ALA A 114 20.16 -5.93 -21.90
N ASP B 1 5.34 17.14 -0.07
CA ASP B 1 4.77 15.77 0.14
C ASP B 1 5.08 15.38 1.58
N ILE B 2 4.39 14.37 2.09
CA ILE B 2 4.62 13.91 3.45
CA ILE B 2 4.61 13.90 3.46
C ILE B 2 5.65 12.78 3.46
N VAL B 3 6.67 12.93 4.30
CA VAL B 3 7.67 11.88 4.52
C VAL B 3 7.32 11.13 5.80
N LEU B 4 7.30 9.79 5.72
CA LEU B 4 7.07 8.93 6.88
C LEU B 4 8.35 8.20 7.25
N THR B 5 8.71 8.34 8.51
CA THR B 5 9.93 7.75 9.03
C THR B 5 9.57 6.76 10.14
N GLN B 6 9.93 5.49 9.94
CA GLN B 6 9.66 4.43 10.91
C GLN B 6 10.83 4.19 11.84
N SER B 7 10.52 3.76 13.04
CA SER B 7 11.53 3.38 14.04
CA SER B 7 11.52 3.38 14.03
C SER B 7 11.03 2.19 14.85
N PRO B 8 11.87 1.17 15.04
CA PRO B 8 13.21 0.95 14.48
C PRO B 8 13.09 0.40 13.05
N ALA B 9 14.21 0.26 12.36
CA ALA B 9 14.20 -0.34 11.02
C ALA B 9 14.02 -1.85 11.12
N SER B 10 14.53 -2.43 12.21
CA SER B 10 14.32 -3.85 12.43
C SER B 10 14.34 -4.13 13.92
N LEU B 11 13.65 -5.20 14.31
CA LEU B 11 13.75 -5.62 15.69
C LEU B 11 13.43 -7.09 15.85
N ALA B 12 14.07 -7.68 16.85
CA ALA B 12 13.88 -9.06 17.22
C ALA B 12 13.20 -9.04 18.58
N VAL B 13 12.10 -9.77 18.69
CA VAL B 13 11.30 -9.74 19.90
C VAL B 13 11.05 -11.14 20.43
N SER B 14 11.07 -11.29 21.73
CA SER B 14 10.78 -12.56 22.36
C SER B 14 9.31 -12.93 22.23
N LEU B 15 9.04 -14.19 21.90
CA LEU B 15 7.68 -14.68 21.83
C LEU B 15 6.94 -14.34 23.13
N GLY B 16 5.73 -13.81 22.99
CA GLY B 16 4.89 -13.48 24.13
C GLY B 16 5.01 -12.07 24.69
N GLN B 17 6.02 -11.32 24.26
CA GLN B 17 6.23 -9.96 24.76
CA GLN B 17 6.26 -9.96 24.73
C GLN B 17 5.43 -8.95 23.92
N ARG B 18 5.47 -7.69 24.32
CA ARG B 18 4.88 -6.58 23.56
C ARG B 18 5.92 -5.98 22.63
N ALA B 19 5.48 -5.44 21.50
CA ALA B 19 6.35 -4.70 20.59
C ALA B 19 5.62 -3.47 20.10
N THR B 20 6.37 -2.38 19.91
CA THR B 20 5.82 -1.18 19.31
C THR B 20 6.68 -0.73 18.13
N ILE B 21 6.02 -0.30 17.06
CA ILE B 21 6.66 0.29 15.90
C ILE B 21 6.13 1.71 15.77
N SER B 22 7.04 2.66 15.55
CA SER B 22 6.73 4.08 15.47
CA SER B 22 6.70 4.06 15.47
C SER B 22 6.77 4.56 14.03
N CYS B 23 5.87 5.48 13.70
CA CYS B 23 5.85 6.14 12.40
C CYS B 23 5.63 7.63 12.62
N LYS B 24 6.59 8.44 12.19
CA LYS B 24 6.52 9.88 12.31
C LYS B 24 6.37 10.54 10.95
N ALA B 25 5.37 11.40 10.83
CA ALA B 25 5.09 12.10 9.58
C ALA B 25 5.71 13.49 9.62
N SER B 26 6.24 13.93 8.49
CA SER B 26 6.93 15.21 8.45
C SER B 26 5.99 16.43 8.56
N GLN B 27 4.72 16.22 8.20
CA GLN B 27 3.65 17.19 8.43
C GLN B 27 2.43 16.41 8.87
N SER B 28 1.46 17.10 9.46
CA SER B 28 0.28 16.46 10.02
C SER B 28 -0.51 15.71 8.95
N VAL B 29 -1.06 14.56 9.34
CA VAL B 29 -1.98 13.82 8.47
C VAL B 29 -3.41 13.83 9.00
N ASP B 30 -3.72 14.82 9.83
CA ASP B 30 -5.08 14.98 10.36
C ASP B 30 -5.96 15.79 9.42
N HIS B 31 -7.24 15.46 9.41
CA HIS B 31 -8.26 16.29 8.75
C HIS B 31 -9.62 16.02 9.41
N ASP B 32 -10.33 17.09 9.77
CA ASP B 32 -11.69 16.98 10.30
C ASP B 32 -11.78 16.03 11.49
N GLY B 33 -10.76 16.03 12.34
CA GLY B 33 -10.78 15.25 13.57
C GLY B 33 -10.36 13.80 13.42
N ASP B 34 -9.94 13.39 12.22
CA ASP B 34 -9.44 12.03 11.99
C ASP B 34 -8.01 12.10 11.49
N SER B 35 -7.28 11.00 11.66
CA SER B 35 -5.88 10.92 11.27
C SER B 35 -5.73 9.81 10.25
N TYR B 36 -5.34 10.17 9.03
CA TYR B 36 -5.34 9.22 7.91
C TYR B 36 -4.02 8.47 7.78
N MET B 37 -3.75 7.64 8.78
CA MET B 37 -2.60 6.77 8.83
C MET B 37 -3.03 5.31 8.86
N ASN B 38 -2.50 4.50 7.94
CA ASN B 38 -2.72 3.07 7.90
C ASN B 38 -1.47 2.30 8.26
N TRP B 39 -1.65 1.08 8.74
CA TRP B 39 -0.59 0.12 8.95
C TRP B 39 -0.84 -1.16 8.17
N PHE B 40 0.21 -1.65 7.52
CA PHE B 40 0.18 -2.88 6.75
C PHE B 40 1.25 -3.89 7.24
N GLN B 41 0.97 -5.18 7.07
CA GLN B 41 1.91 -6.28 7.32
C GLN B 41 2.21 -6.95 5.98
N GLN B 42 3.47 -7.25 5.71
CA GLN B 42 3.81 -7.99 4.50
C GLN B 42 4.80 -9.12 4.76
N LYS B 43 4.51 -10.30 4.22
CA LYS B 43 5.42 -11.44 4.28
C LYS B 43 5.96 -11.69 2.88
N PRO B 44 7.16 -12.28 2.77
CA PRO B 44 7.77 -12.45 1.45
C PRO B 44 6.89 -13.18 0.44
N GLY B 45 6.81 -12.64 -0.77
CA GLY B 45 6.03 -13.26 -1.84
C GLY B 45 4.55 -12.92 -1.81
N GLN B 46 4.14 -12.10 -0.83
CA GLN B 46 2.74 -11.77 -0.61
C GLN B 46 2.49 -10.27 -0.67
N SER B 47 1.26 -9.89 -0.92
CA SER B 47 0.91 -8.48 -0.93
CA SER B 47 0.91 -8.48 -0.93
C SER B 47 0.78 -7.95 0.50
N PRO B 48 0.93 -6.63 0.66
CA PRO B 48 0.66 -6.02 1.96
C PRO B 48 -0.75 -6.26 2.42
N LYS B 49 -0.91 -6.53 3.71
CA LYS B 49 -2.21 -6.79 4.31
C LYS B 49 -2.56 -5.67 5.31
N LEU B 50 -3.70 -5.03 5.12
CA LEU B 50 -4.11 -3.92 5.98
C LEU B 50 -4.42 -4.42 7.40
N LEU B 51 -3.78 -3.81 8.39
CA LEU B 51 -3.99 -4.13 9.81
C LEU B 51 -4.89 -3.10 10.49
N ILE B 52 -4.56 -1.84 10.30
CA ILE B 52 -5.14 -0.71 11.02
C ILE B 52 -5.39 0.41 10.00
N TYR B 53 -6.55 1.07 10.07
CA TYR B 53 -6.80 2.26 9.26
C TYR B 53 -7.24 3.44 10.11
N ALA B 54 -7.03 4.63 9.59
CA ALA B 54 -7.31 5.89 10.27
C ALA B 54 -6.81 5.86 11.72
N ALA B 55 -5.54 5.45 11.84
CA ALA B 55 -4.74 5.48 13.08
C ALA B 55 -5.06 4.39 14.09
N SER B 56 -6.34 4.09 14.31
CA SER B 56 -6.72 3.24 15.43
C SER B 56 -7.81 2.23 15.14
N ASN B 57 -8.29 2.13 13.91
CA ASN B 57 -9.35 1.17 13.60
C ASN B 57 -8.79 -0.18 13.15
N LEU B 58 -9.20 -1.24 13.82
CA LEU B 58 -8.74 -2.59 13.51
C LEU B 58 -9.49 -3.13 12.30
N GLU B 59 -8.76 -3.54 11.27
CA GLU B 59 -9.39 -4.06 10.08
C GLU B 59 -10.04 -5.41 10.37
N SER B 60 -11.20 -5.64 9.76
CA SER B 60 -11.89 -6.91 9.88
C SER B 60 -10.96 -8.08 9.52
N GLY B 61 -10.99 -9.14 10.33
CA GLY B 61 -10.16 -10.31 10.08
C GLY B 61 -8.81 -10.30 10.78
N ILE B 62 -8.41 -9.15 11.31
CA ILE B 62 -7.12 -8.99 11.96
C ILE B 62 -7.26 -9.16 13.48
N PRO B 63 -6.37 -9.97 14.11
CA PRO B 63 -6.49 -10.19 15.55
C PRO B 63 -6.35 -8.92 16.38
N ALA B 64 -7.05 -8.86 17.50
CA ALA B 64 -7.04 -7.72 18.37
C ALA B 64 -5.72 -7.58 19.15
N ARG B 65 -4.78 -8.51 18.93
CA ARG B 65 -3.40 -8.34 19.40
C ARG B 65 -2.77 -7.09 18.79
N PHE B 66 -3.27 -6.67 17.63
CA PHE B 66 -2.80 -5.47 16.95
C PHE B 66 -3.66 -4.27 17.31
N SER B 67 -3.01 -3.15 17.64
CA SER B 67 -3.72 -1.90 17.86
C SER B 67 -2.89 -0.70 17.43
N GLY B 68 -3.54 0.42 17.14
CA GLY B 68 -2.87 1.63 16.71
C GLY B 68 -3.25 2.81 17.57
N SER B 69 -2.30 3.73 17.73
CA SER B 69 -2.51 4.99 18.46
CA SER B 69 -2.53 4.98 18.45
C SER B 69 -1.82 6.14 17.76
N GLY B 70 -2.18 7.36 18.17
CA GLY B 70 -1.52 8.57 17.71
C GLY B 70 -2.40 9.51 16.90
N SER B 71 -1.84 10.69 16.62
CA SER B 71 -2.52 11.71 15.82
C SER B 71 -1.49 12.72 15.37
N GLY B 72 -1.86 13.53 14.40
CA GLY B 72 -1.02 14.63 13.95
C GLY B 72 0.15 14.09 13.16
N THR B 73 1.32 14.10 13.78
CA THR B 73 2.53 13.59 13.16
C THR B 73 3.09 12.32 13.78
N ASP B 74 2.53 11.84 14.89
CA ASP B 74 3.20 10.77 15.65
C ASP B 74 2.25 9.59 15.86
N PHE B 75 2.63 8.41 15.37
CA PHE B 75 1.79 7.21 15.37
C PHE B 75 2.57 5.97 15.83
N THR B 76 1.82 5.04 16.41
CA THR B 76 2.39 3.77 16.82
C THR B 76 1.48 2.59 16.50
N LEU B 77 2.12 1.47 16.16
CA LEU B 77 1.49 0.15 16.08
C LEU B 77 1.99 -0.68 17.25
N ASN B 78 1.08 -1.29 17.99
CA ASN B 78 1.41 -2.13 19.13
C ASN B 78 0.95 -3.55 18.86
N ILE B 79 1.80 -4.52 19.19
CA ILE B 79 1.49 -5.92 19.07
C ILE B 79 1.59 -6.53 20.46
N HIS B 80 0.52 -7.17 20.93
CA HIS B 80 0.41 -7.59 22.33
C HIS B 80 -0.49 -8.81 22.45
N PRO B 81 0.08 -10.01 22.68
CA PRO B 81 1.49 -10.39 22.65
C PRO B 81 1.93 -10.70 21.23
N VAL B 82 3.24 -10.67 20.99
CA VAL B 82 3.81 -11.14 19.74
C VAL B 82 3.72 -12.67 19.66
N GLU B 83 3.38 -13.17 18.47
CA GLU B 83 3.30 -14.60 18.18
C GLU B 83 4.23 -14.95 17.01
N GLU B 84 4.53 -16.23 16.83
CA GLU B 84 5.47 -16.67 15.79
C GLU B 84 5.11 -16.16 14.40
N GLU B 85 3.82 -16.13 14.10
CA GLU B 85 3.36 -15.77 12.78
C GLU B 85 3.51 -14.29 12.47
N ASP B 86 3.96 -13.50 13.45
CA ASP B 86 4.05 -12.05 13.26
C ASP B 86 5.35 -11.64 12.59
N ALA B 87 6.24 -12.59 12.32
CA ALA B 87 7.49 -12.29 11.60
C ALA B 87 7.10 -11.79 10.21
N ALA B 88 7.51 -10.57 9.87
CA ALA B 88 7.00 -9.87 8.70
C ALA B 88 7.64 -8.49 8.66
N THR B 89 7.41 -7.76 7.58
CA THR B 89 7.76 -6.35 7.51
C THR B 89 6.48 -5.51 7.63
N TYR B 90 6.51 -4.48 8.46
CA TYR B 90 5.37 -3.61 8.74
C TYR B 90 5.61 -2.23 8.14
N TYR B 91 4.59 -1.68 7.49
CA TYR B 91 4.66 -0.35 6.86
C TYR B 91 3.55 0.54 7.35
N CYS B 92 3.85 1.81 7.59
CA CYS B 92 2.80 2.83 7.70
C CYS B 92 2.60 3.51 6.35
N GLN B 93 1.41 4.10 6.19
CA GLN B 93 1.04 4.77 4.95
C GLN B 93 0.09 5.91 5.29
N GLN B 94 0.30 7.13 4.78
CA GLN B 94 -0.65 8.21 4.94
C GLN B 94 -1.47 8.41 3.66
N THR B 95 -2.75 8.65 3.86
CA THR B 95 -3.69 8.87 2.76
C THR B 95 -4.47 10.17 2.94
N ASN B 96 -3.87 11.13 3.65
CA ASN B 96 -4.46 12.45 3.87
C ASN B 96 -4.25 13.38 2.68
N GLU B 97 -3.10 13.27 2.02
CA GLU B 97 -2.75 14.20 0.95
CA GLU B 97 -2.72 14.21 0.98
C GLU B 97 -2.03 13.48 -0.17
N ASP B 98 -2.27 13.95 -1.38
CA ASP B 98 -1.66 13.35 -2.56
C ASP B 98 -0.25 13.93 -2.74
N PRO B 99 0.73 13.07 -3.10
CA PRO B 99 0.63 11.63 -3.29
C PRO B 99 0.63 10.90 -1.97
N TYR B 100 -0.11 9.80 -1.88
CA TYR B 100 0.01 8.97 -0.68
C TYR B 100 1.45 8.52 -0.57
N THR B 101 1.92 8.32 0.65
CA THR B 101 3.31 7.92 0.88
C THR B 101 3.37 6.86 1.97
N PHE B 102 4.48 6.12 1.94
CA PHE B 102 4.70 4.99 2.83
C PHE B 102 5.97 5.21 3.61
N GLY B 103 6.00 4.67 4.81
CA GLY B 103 7.24 4.55 5.56
C GLY B 103 8.16 3.51 4.95
N GLY B 104 9.40 3.47 5.43
CA GLY B 104 10.42 2.60 4.87
C GLY B 104 10.35 1.15 5.32
N GLY B 105 9.46 0.85 6.25
CA GLY B 105 9.30 -0.53 6.71
C GLY B 105 10.07 -0.84 7.99
N THR B 106 9.53 -1.77 8.79
CA THR B 106 10.18 -2.29 9.98
C THR B 106 10.09 -3.81 9.90
N LYS B 107 11.23 -4.49 9.89
CA LYS B 107 11.26 -5.95 9.85
C LYS B 107 11.28 -6.52 11.24
N LEU B 108 10.26 -7.30 11.56
CA LEU B 108 10.13 -7.95 12.86
C LEU B 108 10.51 -9.42 12.74
N GLU B 109 11.41 -9.84 13.62
CA GLU B 109 11.78 -11.25 13.78
C GLU B 109 11.45 -11.70 15.19
N ILE B 110 11.18 -12.99 15.31
CA ILE B 110 10.92 -13.61 16.61
C ILE B 110 12.16 -14.39 17.01
N LYS B 111 12.75 -14.02 18.14
CA LYS B 111 13.95 -14.71 18.62
C LYS B 111 13.58 -15.78 19.63
C ACE C 1 -16.07 -1.11 6.14
O ACE C 1 -15.94 -0.55 5.04
CH3 ACE C 1 -16.33 -2.58 6.26
N ASN C 2 -15.77 -0.51 7.31
CA ASN C 2 -15.54 0.94 7.38
C ASN C 2 -14.18 1.36 6.84
N ALA C 3 -13.34 0.38 6.51
CA ALA C 3 -12.10 0.69 5.83
C ALA C 3 -12.37 1.38 4.51
N TYR C 4 -13.51 1.14 3.87
CA TYR C 4 -13.80 1.82 2.62
C TYR C 4 -13.82 3.32 2.84
N ASN C 5 -14.48 3.76 3.90
CA ASN C 5 -14.70 5.17 4.13
C ASN C 5 -13.48 5.89 4.67
N MET C 6 -12.66 5.20 5.44
CA MET C 6 -11.63 5.86 6.23
C MET C 6 -10.20 5.41 5.97
N SER C 7 -9.96 4.39 5.15
CA SER C 7 -8.59 4.03 4.81
C SER C 7 -7.96 4.99 3.80
N ILE C 8 -8.79 5.82 3.17
CA ILE C 8 -8.33 6.99 2.44
C ILE C 8 -9.18 8.17 2.90
N ARG C 9 -8.64 9.39 2.80
CA ARG C 9 -9.43 10.58 3.01
C ARG C 9 -10.27 10.89 1.77
N ARG C 10 -11.57 10.93 1.98
CA ARG C 10 -12.52 11.23 0.91
C ARG C 10 -13.02 12.66 1.02
N NH2 C 11 -13.47 13.04 2.19
#